data_4BWB
#
_entry.id   4BWB
#
_cell.length_a   60.880
_cell.length_b   90.890
_cell.length_c   211.010
_cell.angle_alpha   90.00
_cell.angle_beta   90.00
_cell.angle_gamma   90.00
#
_symmetry.space_group_name_H-M   'P 21 21 21'
#
loop_
_entity.id
_entity.type
_entity.pdbx_description
1 polymer 'NEUROTENSIN RECEPTOR TYPE 1'
2 polymer NEUROTENSIN
#
loop_
_entity_poly.entity_id
_entity_poly.type
_entity_poly.pdbx_seq_one_letter_code
_entity_poly.pdbx_strand_id
1 'polypeptide(L)'
;GPGSGPNSDLDVNTDIYSKVLVTAIYLALFVVGTVGNGVTLFTLARKKSLQSLQSRVDYYLGSLALSDLLILLFALPVDL
YNFIWVHHPWAFGDAGCKGYYFLREACTYATALNVVSLSVELYLAICHPFKAKTLMSRSRTKKFISAIWLASALLAIPML
FTMGLQNLSGDGTHPGGLVCTPIVDTATLRVVIQLNTFMSFLFPMLVASILNTVAARRLTVMVHQAAEQGRVCTEPGRVQ
ALRRGVLVLRAVVIAFVVCWLPYHVRRLMFVYISDEQWTTALFDFYHYFYMLSNALVYVSAAINPILYNLVSANFRQVFL
STLACLCPGTRELEVLFQ
;
A,B
2 'polypeptide(L)' GPGGRRPYIL C,D
#
# COMPACT_ATOMS: atom_id res chain seq x y z
N ASN A 7 -27.26 -31.51 -13.11
CA ASN A 7 -27.88 -31.17 -11.84
C ASN A 7 -27.16 -31.81 -10.65
N SER A 8 -27.01 -31.03 -9.58
CA SER A 8 -26.36 -31.48 -8.34
C SER A 8 -24.89 -31.85 -8.53
N ASP A 9 -24.37 -31.63 -9.74
CA ASP A 9 -22.97 -31.92 -10.04
C ASP A 9 -22.03 -30.96 -9.34
N LEU A 10 -22.57 -29.84 -8.87
CA LEU A 10 -21.78 -28.81 -8.21
C LEU A 10 -21.26 -29.26 -6.85
N ASP A 11 -21.76 -30.39 -6.37
CA ASP A 11 -21.32 -30.97 -5.11
C ASP A 11 -19.84 -31.34 -5.14
N VAL A 12 -19.24 -31.46 -3.97
CA VAL A 12 -17.81 -31.76 -3.87
C VAL A 12 -17.53 -33.06 -3.14
N ASN A 13 -16.74 -33.92 -3.79
CA ASN A 13 -16.36 -35.20 -3.20
C ASN A 13 -15.29 -35.04 -2.13
N THR A 14 -15.70 -35.02 -0.87
CA THR A 14 -14.79 -34.84 0.25
C THR A 14 -15.10 -35.87 1.34
N ASP A 15 -14.05 -36.43 1.94
CA ASP A 15 -14.23 -37.41 3.01
C ASP A 15 -14.95 -36.78 4.19
N ILE A 16 -15.92 -37.49 4.75
CA ILE A 16 -16.65 -37.00 5.91
C ILE A 16 -15.70 -36.90 7.08
N TYR A 17 -14.73 -37.81 7.11
CA TYR A 17 -13.70 -37.82 8.15
C TYR A 17 -12.92 -36.52 8.11
N SER A 18 -12.54 -36.10 6.91
CA SER A 18 -11.80 -34.87 6.72
C SER A 18 -12.64 -33.65 7.05
N LYS A 19 -13.94 -33.70 6.72
CA LYS A 19 -14.86 -32.63 7.04
C LYS A 19 -14.95 -32.42 8.55
N VAL A 20 -15.17 -33.51 9.28
CA VAL A 20 -15.24 -33.46 10.73
C VAL A 20 -13.91 -33.00 11.30
N LEU A 21 -12.82 -33.46 10.69
CA LEU A 21 -11.47 -33.07 11.10
C LEU A 21 -11.28 -31.55 11.05
N VAL A 22 -11.41 -30.98 9.86
CA VAL A 22 -11.25 -29.53 9.70
C VAL A 22 -12.30 -28.76 10.48
N THR A 23 -13.45 -29.38 10.74
CA THR A 23 -14.48 -28.75 11.55
C THR A 23 -13.97 -28.57 12.98
N ALA A 24 -13.55 -29.66 13.59
CA ALA A 24 -13.01 -29.62 14.96
C ALA A 24 -11.80 -28.70 15.04
N ILE A 25 -10.93 -28.78 14.05
CA ILE A 25 -9.75 -27.92 13.98
C ILE A 25 -10.17 -26.44 13.97
N TYR A 26 -11.13 -26.11 13.12
CA TYR A 26 -11.65 -24.75 13.04
C TYR A 26 -12.28 -24.30 14.35
N LEU A 27 -12.89 -25.24 15.07
CA LEU A 27 -13.47 -24.94 16.36
C LEU A 27 -12.37 -24.57 17.36
N ALA A 28 -11.34 -25.39 17.42
CA ALA A 28 -10.21 -25.15 18.31
C ALA A 28 -9.55 -23.81 18.00
N LEU A 29 -9.23 -23.58 16.73
CA LEU A 29 -8.62 -22.34 16.30
C LEU A 29 -9.52 -21.14 16.61
N PHE A 30 -10.83 -21.35 16.49
CA PHE A 30 -11.80 -20.32 16.78
C PHE A 30 -11.74 -19.92 18.24
N VAL A 31 -11.92 -20.90 19.13
CA VAL A 31 -11.92 -20.62 20.57
C VAL A 31 -10.59 -20.02 21.03
N VAL A 32 -9.49 -20.68 20.66
CA VAL A 32 -8.15 -20.23 21.04
C VAL A 32 -7.84 -18.82 20.54
N GLY A 33 -8.07 -18.59 19.25
CA GLY A 33 -7.82 -17.29 18.66
C GLY A 33 -8.68 -16.18 19.22
N THR A 34 -9.98 -16.46 19.36
CA THR A 34 -10.93 -15.48 19.88
C THR A 34 -10.61 -15.09 21.31
N VAL A 35 -10.39 -16.08 22.16
CA VAL A 35 -10.06 -15.81 23.55
C VAL A 35 -8.73 -15.08 23.66
N GLY A 36 -7.74 -15.56 22.91
CA GLY A 36 -6.42 -14.97 22.90
C GLY A 36 -6.42 -13.51 22.50
N ASN A 37 -6.87 -13.22 21.28
CA ASN A 37 -6.90 -11.85 20.79
C ASN A 37 -7.85 -10.95 21.57
N GLY A 38 -8.96 -11.51 22.05
CA GLY A 38 -9.91 -10.76 22.83
C GLY A 38 -9.34 -10.27 24.15
N VAL A 39 -8.84 -11.23 24.95
CA VAL A 39 -8.24 -10.90 26.23
C VAL A 39 -6.99 -10.06 26.03
N THR A 40 -6.35 -10.24 24.87
CA THR A 40 -5.22 -9.40 24.49
C THR A 40 -5.66 -7.93 24.37
N LEU A 41 -6.76 -7.73 23.64
CA LEU A 41 -7.30 -6.39 23.44
C LEU A 41 -7.76 -5.75 24.74
N PHE A 42 -8.35 -6.54 25.64
CA PHE A 42 -8.75 -6.00 26.93
C PHE A 42 -7.52 -5.67 27.77
N THR A 43 -6.46 -6.46 27.59
CA THR A 43 -5.20 -6.29 28.31
C THR A 43 -4.48 -5.02 27.89
N LEU A 44 -4.59 -4.68 26.61
CA LEU A 44 -3.92 -3.50 26.07
C LEU A 44 -4.40 -2.21 26.73
N ALA A 45 -5.67 -2.15 27.11
CA ALA A 45 -6.21 -0.97 27.78
C ALA A 45 -5.59 -0.75 29.15
N GLN A 51 2.43 5.54 28.68
CA GLN A 51 3.59 4.75 28.31
C GLN A 51 4.56 5.54 27.44
N SER A 52 5.84 5.26 27.57
CA SER A 52 6.87 5.97 26.83
C SER A 52 6.86 5.63 25.34
N LEU A 53 7.05 4.35 25.03
CA LEU A 53 7.11 3.90 23.64
C LEU A 53 6.17 2.73 23.37
N GLN A 54 6.06 1.82 24.34
CA GLN A 54 5.32 0.59 24.15
C GLN A 54 3.84 0.82 23.84
N SER A 55 3.35 2.02 24.12
CA SER A 55 1.97 2.37 23.80
C SER A 55 1.71 2.25 22.31
N ARG A 56 2.65 2.73 21.51
CA ARG A 56 2.54 2.68 20.05
C ARG A 56 2.46 1.25 19.52
N VAL A 57 3.41 0.41 19.94
CA VAL A 57 3.41 -0.99 19.53
C VAL A 57 2.18 -1.71 20.06
N ASP A 58 1.61 -1.18 21.14
CA ASP A 58 0.34 -1.68 21.66
C ASP A 58 -0.80 -1.29 20.74
N TYR A 59 -0.71 -0.13 20.10
CA TYR A 59 -1.70 0.26 19.11
C TYR A 59 -1.60 -0.64 17.87
N TYR A 60 -0.38 -0.89 17.43
CA TYR A 60 -0.14 -1.78 16.29
C TYR A 60 -0.67 -3.18 16.57
N LEU A 61 -0.27 -3.73 17.71
CA LEU A 61 -0.75 -5.04 18.15
C LEU A 61 -2.27 -5.03 18.30
N GLY A 62 -2.82 -3.87 18.67
CA GLY A 62 -4.25 -3.70 18.76
C GLY A 62 -4.90 -3.90 17.41
N SER A 63 -4.34 -3.25 16.39
CA SER A 63 -4.81 -3.39 15.02
C SER A 63 -4.71 -4.84 14.55
N LEU A 64 -3.56 -5.46 14.80
CA LEU A 64 -3.34 -6.85 14.42
C LEU A 64 -4.37 -7.79 15.04
N ALA A 65 -4.46 -7.78 16.36
CA ALA A 65 -5.40 -8.62 17.09
C ALA A 65 -6.84 -8.33 16.72
N LEU A 66 -7.10 -7.07 16.32
CA LEU A 66 -8.42 -6.69 15.86
C LEU A 66 -8.75 -7.38 14.55
N SER A 67 -7.80 -7.32 13.61
CA SER A 67 -7.94 -7.99 12.34
C SER A 67 -8.14 -9.49 12.52
N ASP A 68 -7.33 -10.08 13.40
CA ASP A 68 -7.44 -11.48 13.74
C ASP A 68 -8.83 -11.79 14.25
N LEU A 69 -9.35 -10.93 15.13
CA LEU A 69 -10.69 -11.09 15.66
C LEU A 69 -11.74 -11.01 14.56
N LEU A 70 -11.51 -10.15 13.59
CA LEU A 70 -12.42 -10.02 12.45
C LEU A 70 -12.49 -11.32 11.66
N ILE A 71 -11.33 -11.82 11.24
CA ILE A 71 -11.29 -13.05 10.46
C ILE A 71 -11.85 -14.25 11.24
N LEU A 72 -11.45 -14.36 12.50
CA LEU A 72 -11.88 -15.47 13.35
C LEU A 72 -13.39 -15.45 13.61
N LEU A 73 -13.89 -14.34 14.13
CA LEU A 73 -15.32 -14.23 14.45
C LEU A 73 -16.20 -14.29 13.21
N PHE A 74 -15.82 -13.56 12.16
CA PHE A 74 -16.71 -13.38 11.01
C PHE A 74 -16.49 -14.35 9.85
N ALA A 75 -15.23 -14.58 9.47
CA ALA A 75 -14.94 -15.40 8.29
C ALA A 75 -15.09 -16.90 8.56
N LEU A 76 -14.75 -17.33 9.77
CA LEU A 76 -14.82 -18.74 10.14
C LEU A 76 -16.18 -19.44 9.95
N PRO A 77 -17.26 -18.90 10.55
CA PRO A 77 -18.51 -19.67 10.45
C PRO A 77 -19.08 -19.70 9.04
N VAL A 78 -18.75 -18.68 8.24
CA VAL A 78 -19.13 -18.66 6.83
C VAL A 78 -18.38 -19.75 6.09
N ASP A 79 -17.08 -19.85 6.38
CA ASP A 79 -16.22 -20.85 5.77
C ASP A 79 -16.68 -22.28 6.10
N LEU A 80 -16.95 -22.52 7.38
CA LEU A 80 -17.43 -23.83 7.84
C LEU A 80 -18.74 -24.24 7.18
N TYR A 81 -19.72 -23.37 7.24
CA TYR A 81 -21.06 -23.68 6.77
C TYR A 81 -21.11 -23.97 5.26
N ASN A 82 -20.74 -22.99 4.45
CA ASN A 82 -20.88 -23.10 3.01
C ASN A 82 -19.69 -23.73 2.30
N PHE A 83 -18.50 -23.21 2.57
CA PHE A 83 -17.30 -23.61 1.84
C PHE A 83 -16.86 -25.05 2.10
N ILE A 84 -17.14 -25.56 3.30
CA ILE A 84 -16.71 -26.91 3.65
C ILE A 84 -17.86 -27.92 3.74
N TRP A 85 -18.97 -27.51 4.39
CA TRP A 85 -20.10 -28.41 4.59
C TRP A 85 -21.14 -28.38 3.46
N VAL A 86 -21.64 -27.19 3.14
CA VAL A 86 -22.77 -27.06 2.23
C VAL A 86 -22.40 -27.12 0.75
N HIS A 87 -21.33 -26.42 0.38
CA HIS A 87 -20.87 -26.28 -1.01
C HIS A 87 -21.82 -25.44 -1.86
N HIS A 88 -23.08 -25.87 -1.93
CA HIS A 88 -24.10 -25.14 -2.67
C HIS A 88 -25.48 -25.55 -2.16
N PRO A 89 -26.47 -24.65 -2.27
CA PRO A 89 -26.37 -23.28 -2.81
C PRO A 89 -25.92 -22.26 -1.77
N TRP A 90 -25.47 -21.10 -2.24
CA TRP A 90 -25.12 -19.99 -1.36
C TRP A 90 -26.36 -19.52 -0.61
N ALA A 91 -26.33 -19.64 0.71
CA ALA A 91 -27.52 -19.37 1.51
C ALA A 91 -27.63 -17.91 1.90
N PHE A 92 -26.50 -17.22 1.95
CA PHE A 92 -26.47 -15.81 2.35
C PHE A 92 -26.86 -14.92 1.18
N GLY A 93 -26.60 -13.62 1.33
CA GLY A 93 -26.88 -12.68 0.25
C GLY A 93 -25.62 -12.31 -0.51
N ASP A 94 -25.78 -11.48 -1.52
CA ASP A 94 -24.64 -11.04 -2.33
C ASP A 94 -23.74 -10.17 -1.46
N ALA A 95 -24.38 -9.34 -0.63
CA ALA A 95 -23.67 -8.54 0.35
C ALA A 95 -22.85 -9.44 1.26
N GLY A 96 -23.40 -10.61 1.56
CA GLY A 96 -22.69 -11.61 2.34
C GLY A 96 -21.40 -12.04 1.65
N CYS A 97 -21.50 -12.41 0.39
CA CYS A 97 -20.34 -12.83 -0.41
C CYS A 97 -19.29 -11.74 -0.56
N LYS A 98 -19.67 -10.68 -1.26
CA LYS A 98 -18.79 -9.54 -1.52
C LYS A 98 -18.20 -9.00 -0.23
N GLY A 99 -19.06 -8.83 0.77
CA GLY A 99 -18.63 -8.36 2.08
C GLY A 99 -17.62 -9.30 2.73
N TYR A 100 -17.83 -10.60 2.55
CA TYR A 100 -16.94 -11.61 3.09
C TYR A 100 -15.54 -11.50 2.48
N TYR A 101 -15.47 -11.57 1.16
CA TYR A 101 -14.16 -11.51 0.49
C TYR A 101 -13.47 -10.16 0.73
N PHE A 102 -14.25 -9.09 0.71
CA PHE A 102 -13.75 -7.75 1.00
C PHE A 102 -13.14 -7.71 2.40
N LEU A 103 -13.85 -8.28 3.36
CA LEU A 103 -13.39 -8.36 4.74
C LEU A 103 -12.06 -9.11 4.83
N ARG A 104 -12.01 -10.26 4.17
CA ARG A 104 -10.78 -11.06 4.14
C ARG A 104 -9.60 -10.26 3.63
N GLU A 105 -9.74 -9.74 2.40
CA GLU A 105 -8.66 -9.00 1.76
C GLU A 105 -8.22 -7.78 2.56
N ALA A 106 -9.20 -7.02 3.05
CA ALA A 106 -8.92 -5.85 3.87
C ALA A 106 -8.12 -6.25 5.11
N CYS A 107 -8.50 -7.37 5.73
CA CYS A 107 -7.79 -7.87 6.89
C CYS A 107 -6.36 -8.26 6.54
N THR A 108 -6.16 -8.87 5.38
CA THR A 108 -4.83 -9.26 4.93
C THR A 108 -3.93 -8.05 4.73
N TYR A 109 -4.43 -7.06 3.99
CA TYR A 109 -3.68 -5.83 3.75
C TYR A 109 -3.35 -5.13 5.07
N ALA A 110 -4.33 -5.06 5.96
CA ALA A 110 -4.16 -4.43 7.26
C ALA A 110 -3.06 -5.12 8.06
N THR A 111 -3.11 -6.44 8.12
CA THR A 111 -2.11 -7.24 8.80
C THR A 111 -0.71 -6.99 8.24
N ALA A 112 -0.60 -7.08 6.91
CA ALA A 112 0.70 -6.88 6.24
C ALA A 112 1.29 -5.50 6.55
N LEU A 113 0.47 -4.46 6.41
CA LEU A 113 0.92 -3.10 6.67
C LEU A 113 1.33 -2.94 8.13
N ASN A 114 0.56 -3.53 9.03
CA ASN A 114 0.91 -3.51 10.44
C ASN A 114 2.26 -4.14 10.72
N VAL A 115 2.52 -5.28 10.09
CA VAL A 115 3.80 -5.97 10.24
C VAL A 115 4.96 -5.12 9.72
N VAL A 116 4.84 -4.64 8.49
CA VAL A 116 5.90 -3.83 7.90
C VAL A 116 6.19 -2.59 8.73
N SER A 117 5.13 -1.87 9.10
CA SER A 117 5.26 -0.67 9.92
C SER A 117 5.88 -0.99 11.27
N LEU A 118 5.58 -2.18 11.80
CA LEU A 118 6.18 -2.62 13.05
C LEU A 118 7.68 -2.83 12.90
N SER A 119 8.08 -3.43 11.78
CA SER A 119 9.49 -3.63 11.48
C SER A 119 10.20 -2.28 11.38
N VAL A 120 9.56 -1.34 10.69
CA VAL A 120 10.10 0.01 10.54
C VAL A 120 10.31 0.68 11.89
N GLU A 121 9.26 0.68 12.71
CA GLU A 121 9.31 1.34 14.00
C GLU A 121 10.28 0.65 14.96
N LEU A 122 10.51 -0.64 14.77
CA LEU A 122 11.46 -1.38 15.58
C LEU A 122 12.89 -0.99 15.21
N TYR A 123 13.18 -1.02 13.91
CA TYR A 123 14.48 -0.60 13.40
C TYR A 123 14.80 0.83 13.84
N LEU A 124 13.83 1.73 13.71
CA LEU A 124 13.99 3.12 14.13
C LEU A 124 14.14 3.24 15.65
N ALA A 125 13.51 2.32 16.38
CA ALA A 125 13.61 2.31 17.83
C ALA A 125 15.01 1.94 18.30
N ILE A 126 15.59 0.91 17.69
CA ILE A 126 16.90 0.44 18.12
C ILE A 126 18.07 1.26 17.55
N CYS A 127 17.98 1.66 16.29
CA CYS A 127 19.08 2.37 15.64
C CYS A 127 19.08 3.87 15.89
N HIS A 128 17.89 4.45 16.06
CA HIS A 128 17.79 5.89 16.30
C HIS A 128 16.84 6.24 17.43
N PRO A 129 17.30 6.05 18.68
CA PRO A 129 16.50 6.38 19.87
C PRO A 129 16.24 7.88 19.97
N PHE A 130 17.11 8.67 19.35
CA PHE A 130 16.98 10.12 19.36
C PHE A 130 15.77 10.57 18.56
N LYS A 131 15.41 9.77 17.55
CA LYS A 131 14.26 10.08 16.70
C LYS A 131 13.10 9.13 16.99
N ALA A 132 13.27 8.26 17.97
CA ALA A 132 12.25 7.26 18.30
C ALA A 132 11.12 7.84 19.15
N LYS A 133 11.34 9.02 19.72
CA LYS A 133 10.30 9.69 20.50
C LYS A 133 9.53 10.69 19.66
N THR A 134 10.24 11.41 18.79
CA THR A 134 9.64 12.45 17.94
C THR A 134 8.86 11.99 16.71
N LEU A 135 9.13 10.79 16.22
CA LEU A 135 8.59 10.36 14.93
C LEU A 135 7.07 10.20 14.88
N MET A 136 6.48 9.63 15.92
CA MET A 136 5.05 9.35 15.93
C MET A 136 4.41 9.47 17.31
N SER A 137 3.78 10.60 17.56
CA SER A 137 3.01 10.77 18.79
C SER A 137 1.81 9.84 18.72
N ARG A 138 1.28 9.46 19.89
CA ARG A 138 0.19 8.48 19.96
C ARG A 138 -1.04 8.87 19.13
N SER A 139 -1.34 10.16 19.07
CA SER A 139 -2.41 10.66 18.24
C SER A 139 -2.12 10.36 16.77
N ARG A 140 -0.94 10.79 16.31
CA ARG A 140 -0.51 10.56 14.94
C ARG A 140 -0.37 9.06 14.66
N THR A 141 -0.08 8.30 15.70
CA THR A 141 0.02 6.85 15.59
C THR A 141 -1.35 6.25 15.28
N LYS A 142 -2.36 6.64 16.05
CA LYS A 142 -3.73 6.20 15.82
C LYS A 142 -4.22 6.64 14.45
N LYS A 143 -3.82 7.84 14.05
CA LYS A 143 -4.13 8.34 12.71
C LYS A 143 -3.51 7.43 11.65
N PHE A 144 -2.30 6.96 11.92
CA PHE A 144 -1.62 6.06 11.00
C PHE A 144 -2.31 4.70 10.95
N ILE A 145 -2.85 4.27 12.09
CA ILE A 145 -3.58 3.01 12.15
C ILE A 145 -4.85 3.08 11.32
N SER A 146 -5.62 4.14 11.52
CA SER A 146 -6.83 4.38 10.73
C SER A 146 -6.47 4.49 9.26
N ALA A 147 -5.31 5.07 8.97
CA ALA A 147 -4.80 5.15 7.60
C ALA A 147 -4.57 3.76 7.02
N ILE A 148 -3.98 2.88 7.83
CA ILE A 148 -3.78 1.49 7.43
C ILE A 148 -5.11 0.84 7.11
N TRP A 149 -6.09 1.04 7.99
CA TRP A 149 -7.42 0.47 7.80
C TRP A 149 -8.07 0.92 6.48
N LEU A 150 -8.10 2.23 6.27
CA LEU A 150 -8.75 2.80 5.09
C LEU A 150 -8.03 2.42 3.79
N ALA A 151 -6.70 2.44 3.83
CA ALA A 151 -5.91 2.02 2.67
C ALA A 151 -6.19 0.57 2.34
N SER A 152 -6.25 -0.26 3.39
CA SER A 152 -6.56 -1.67 3.24
C SER A 152 -7.93 -1.86 2.60
N ALA A 153 -8.89 -1.02 3.00
CA ALA A 153 -10.21 -1.06 2.41
C ALA A 153 -10.16 -0.70 0.93
N LEU A 154 -9.45 0.38 0.61
CA LEU A 154 -9.28 0.84 -0.76
C LEU A 154 -8.67 -0.24 -1.65
N LEU A 155 -7.73 -1.00 -1.10
CA LEU A 155 -7.11 -2.08 -1.83
C LEU A 155 -8.04 -3.30 -1.91
N ALA A 156 -8.95 -3.42 -0.94
CA ALA A 156 -9.87 -4.54 -0.89
C ALA A 156 -11.11 -4.31 -1.75
N ILE A 157 -11.27 -3.08 -2.23
CA ILE A 157 -12.40 -2.70 -3.08
C ILE A 157 -12.76 -3.64 -4.26
N PRO A 158 -11.76 -4.10 -5.05
CA PRO A 158 -12.07 -4.97 -6.20
C PRO A 158 -12.92 -6.20 -5.87
N MET A 159 -12.81 -6.73 -4.66
CA MET A 159 -13.59 -7.90 -4.27
C MET A 159 -15.09 -7.63 -4.28
N LEU A 160 -15.47 -6.38 -4.11
CA LEU A 160 -16.86 -5.98 -4.19
C LEU A 160 -17.34 -6.05 -5.64
N PHE A 161 -16.39 -5.92 -6.58
CA PHE A 161 -16.70 -6.00 -8.00
C PHE A 161 -16.37 -7.39 -8.54
N THR A 162 -15.25 -7.94 -8.13
CA THR A 162 -14.78 -9.24 -8.62
C THR A 162 -15.73 -10.38 -8.24
N MET A 163 -16.01 -10.52 -6.95
CA MET A 163 -16.86 -11.60 -6.48
C MET A 163 -18.35 -11.29 -6.69
N GLY A 164 -19.16 -12.34 -6.72
CA GLY A 164 -20.59 -12.17 -6.88
C GLY A 164 -21.30 -13.51 -6.84
N LEU A 165 -22.46 -13.59 -7.48
CA LEU A 165 -23.23 -14.82 -7.53
C LEU A 165 -23.58 -15.22 -8.96
N GLN A 166 -23.46 -16.52 -9.24
CA GLN A 166 -23.81 -17.06 -10.54
C GLN A 166 -24.48 -18.42 -10.37
N ASN A 167 -25.56 -18.64 -11.10
CA ASN A 167 -26.24 -19.94 -11.10
C ASN A 167 -25.61 -20.87 -12.13
N LEU A 168 -24.79 -21.80 -11.66
CA LEU A 168 -24.06 -22.70 -12.55
C LEU A 168 -24.69 -24.09 -12.61
N SER A 169 -26.01 -24.15 -12.51
CA SER A 169 -26.73 -25.42 -12.58
C SER A 169 -26.91 -25.90 -14.02
N GLY A 170 -26.09 -25.37 -14.93
CA GLY A 170 -26.14 -25.76 -16.32
C GLY A 170 -27.06 -24.86 -17.12
N ASP A 171 -28.33 -24.81 -16.74
CA ASP A 171 -29.28 -23.91 -17.37
C ASP A 171 -29.28 -22.54 -16.68
N GLY A 172 -28.87 -22.53 -15.42
CA GLY A 172 -28.82 -21.31 -14.64
C GLY A 172 -30.15 -20.96 -14.01
N THR A 173 -31.14 -21.83 -14.18
CA THR A 173 -32.47 -21.61 -13.64
C THR A 173 -32.69 -22.28 -12.29
N HIS A 174 -32.05 -23.43 -12.10
CA HIS A 174 -32.19 -24.21 -10.87
C HIS A 174 -31.64 -23.48 -9.65
N PRO A 175 -32.47 -23.30 -8.61
CA PRO A 175 -32.11 -22.61 -7.36
C PRO A 175 -30.91 -23.25 -6.66
N GLY A 176 -30.76 -24.56 -6.79
CA GLY A 176 -29.66 -25.26 -6.14
C GLY A 176 -28.32 -25.03 -6.82
N GLY A 177 -28.33 -24.28 -7.90
CA GLY A 177 -27.12 -23.98 -8.65
C GLY A 177 -26.51 -22.63 -8.31
N LEU A 178 -27.18 -21.88 -7.44
CA LEU A 178 -26.69 -20.58 -7.01
C LEU A 178 -25.34 -20.70 -6.30
N VAL A 179 -24.35 -19.95 -6.77
CA VAL A 179 -22.99 -20.08 -6.27
C VAL A 179 -22.27 -18.74 -6.11
N CYS A 180 -21.68 -18.51 -4.94
CA CYS A 180 -20.86 -17.34 -4.71
C CYS A 180 -19.52 -17.51 -5.42
N THR A 181 -19.41 -16.93 -6.62
CA THR A 181 -18.27 -17.15 -7.48
C THR A 181 -17.80 -15.82 -8.08
N PRO A 182 -16.53 -15.76 -8.52
CA PRO A 182 -16.07 -14.57 -9.26
C PRO A 182 -16.83 -14.40 -10.57
N ILE A 183 -17.50 -13.26 -10.71
CA ILE A 183 -18.28 -12.98 -11.90
C ILE A 183 -17.42 -12.49 -13.06
N VAL A 184 -16.29 -11.87 -12.73
CA VAL A 184 -15.43 -11.27 -13.74
C VAL A 184 -14.67 -12.31 -14.57
N ASP A 185 -14.13 -11.86 -15.69
CA ASP A 185 -13.44 -12.74 -16.64
C ASP A 185 -12.19 -13.38 -16.03
N THR A 186 -11.64 -14.36 -16.74
CA THR A 186 -10.45 -15.07 -16.30
C THR A 186 -9.23 -14.15 -16.23
N ALA A 187 -9.08 -13.30 -17.24
CA ALA A 187 -7.92 -12.41 -17.33
C ALA A 187 -7.85 -11.42 -16.17
N THR A 188 -8.93 -10.68 -15.98
CA THR A 188 -9.01 -9.70 -14.89
C THR A 188 -8.92 -10.39 -13.53
N LEU A 189 -9.37 -11.65 -13.48
CA LEU A 189 -9.23 -12.45 -12.27
C LEU A 189 -7.75 -12.70 -11.98
N ARG A 190 -7.01 -13.14 -12.99
CA ARG A 190 -5.56 -13.30 -12.87
C ARG A 190 -4.94 -12.00 -12.39
N VAL A 191 -5.39 -10.89 -12.97
CA VAL A 191 -4.90 -9.58 -12.59
C VAL A 191 -5.07 -9.30 -11.09
N VAL A 192 -6.30 -9.35 -10.61
CA VAL A 192 -6.58 -9.03 -9.20
C VAL A 192 -5.93 -10.02 -8.22
N ILE A 193 -5.87 -11.30 -8.60
CA ILE A 193 -5.18 -12.30 -7.80
C ILE A 193 -3.71 -11.91 -7.67
N GLN A 194 -3.13 -11.47 -8.79
CA GLN A 194 -1.75 -10.98 -8.79
C GLN A 194 -1.59 -9.76 -7.89
N LEU A 195 -2.58 -8.86 -7.93
CA LEU A 195 -2.56 -7.66 -7.09
C LEU A 195 -2.47 -8.05 -5.62
N ASN A 196 -3.40 -8.90 -5.19
CA ASN A 196 -3.42 -9.35 -3.80
C ASN A 196 -2.17 -10.12 -3.40
N THR A 197 -1.68 -10.97 -4.31
CA THR A 197 -0.49 -11.78 -4.02
C THR A 197 0.75 -10.91 -3.83
N PHE A 198 0.97 -9.96 -4.75
CA PHE A 198 2.11 -9.08 -4.66
C PHE A 198 2.02 -8.12 -3.47
N MET A 199 0.90 -7.42 -3.35
CA MET A 199 0.77 -6.35 -2.37
C MET A 199 0.48 -6.80 -0.95
N SER A 200 -0.26 -7.90 -0.79
CA SER A 200 -0.65 -8.36 0.54
C SER A 200 0.24 -9.47 1.08
N PHE A 201 1.21 -9.90 0.27
CA PHE A 201 2.06 -11.01 0.68
C PHE A 201 3.54 -10.83 0.32
N LEU A 202 3.85 -10.97 -0.95
CA LEU A 202 5.24 -10.96 -1.43
C LEU A 202 6.02 -9.72 -1.00
N PHE A 203 5.70 -8.59 -1.61
CA PHE A 203 6.38 -7.32 -1.32
C PHE A 203 6.46 -6.93 0.17
N PRO A 204 5.31 -6.91 0.89
CA PRO A 204 5.40 -6.47 2.29
C PRO A 204 6.22 -7.40 3.17
N MET A 205 6.08 -8.71 2.99
CA MET A 205 6.85 -9.66 3.78
C MET A 205 8.31 -9.65 3.39
N LEU A 206 8.59 -9.29 2.15
CA LEU A 206 9.96 -9.12 1.70
C LEU A 206 10.60 -7.94 2.44
N VAL A 207 9.89 -6.82 2.45
CA VAL A 207 10.35 -5.63 3.16
C VAL A 207 10.55 -5.93 4.65
N ALA A 208 9.57 -6.58 5.25
CA ALA A 208 9.63 -6.93 6.67
C ALA A 208 10.80 -7.87 6.98
N SER A 209 11.05 -8.82 6.10
CA SER A 209 12.15 -9.76 6.27
C SER A 209 13.48 -9.03 6.18
N ILE A 210 13.60 -8.12 5.21
CA ILE A 210 14.79 -7.30 5.05
C ILE A 210 15.06 -6.47 6.31
N LEU A 211 14.01 -5.82 6.80
CA LEU A 211 14.11 -4.98 7.99
C LEU A 211 14.46 -5.82 9.23
N ASN A 212 14.02 -7.08 9.23
CA ASN A 212 14.34 -7.98 10.32
C ASN A 212 15.81 -8.39 10.28
N THR A 213 16.30 -8.67 9.09
CA THR A 213 17.70 -9.02 8.89
C THR A 213 18.61 -7.87 9.31
N VAL A 214 18.28 -6.67 8.84
CA VAL A 214 19.04 -5.48 9.20
C VAL A 214 18.97 -5.18 10.69
N ALA A 215 17.77 -5.34 11.26
CA ALA A 215 17.59 -5.11 12.70
C ALA A 215 18.44 -6.08 13.50
N ALA A 216 18.50 -7.33 13.07
CA ALA A 216 19.29 -8.35 13.75
C ALA A 216 20.79 -8.06 13.65
N ARG A 217 21.24 -7.76 12.43
CA ARG A 217 22.64 -7.44 12.21
C ARG A 217 23.10 -6.25 13.04
N ARG A 218 22.36 -5.15 12.96
CA ARG A 218 22.71 -3.94 13.69
C ARG A 218 22.52 -4.12 15.19
N LEU A 219 21.67 -5.07 15.58
CA LEU A 219 21.53 -5.44 16.97
C LEU A 219 22.81 -6.09 17.46
N THR A 220 23.30 -7.06 16.70
CA THR A 220 24.57 -7.71 17.02
C THR A 220 25.71 -6.70 17.00
N VAL A 221 25.57 -5.67 16.19
CA VAL A 221 26.55 -4.59 16.12
C VAL A 221 26.54 -3.74 17.39
N MET A 222 25.34 -3.38 17.85
CA MET A 222 25.19 -2.52 19.02
C MET A 222 25.72 -3.16 20.30
N VAL A 223 25.59 -4.49 20.39
CA VAL A 223 26.09 -5.22 21.56
C VAL A 223 27.61 -5.23 21.62
N GLU A 235 22.10 1.28 31.34
CA GLU A 235 21.18 0.82 30.30
C GLU A 235 21.59 -0.47 29.54
N PRO A 236 22.29 -1.42 30.20
CA PRO A 236 22.52 -2.61 29.38
C PRO A 236 21.31 -3.53 29.34
N GLY A 237 20.45 -3.45 30.35
CA GLY A 237 19.29 -4.32 30.45
C GLY A 237 18.23 -4.13 29.37
N ARG A 238 18.18 -2.94 28.80
CA ARG A 238 17.20 -2.61 27.76
C ARG A 238 17.30 -3.51 26.52
N VAL A 239 18.52 -3.90 26.20
CA VAL A 239 18.75 -4.76 25.03
C VAL A 239 18.06 -6.11 25.21
N GLN A 240 17.92 -6.55 26.45
CA GLN A 240 17.25 -7.81 26.75
C GLN A 240 15.78 -7.77 26.34
N ALA A 241 15.13 -6.62 26.55
CA ALA A 241 13.75 -6.44 26.15
C ALA A 241 13.60 -6.23 24.64
N LEU A 242 14.48 -5.41 24.08
CA LEU A 242 14.36 -5.11 22.65
C LEU A 242 14.64 -6.34 21.80
N ARG A 243 15.60 -7.16 22.24
CA ARG A 243 15.91 -8.42 21.57
C ARG A 243 14.67 -9.31 21.56
N ARG A 244 14.00 -9.37 22.71
CA ARG A 244 12.74 -10.10 22.84
C ARG A 244 11.77 -9.62 21.77
N GLY A 245 11.65 -8.30 21.64
CA GLY A 245 10.83 -7.70 20.61
C GLY A 245 11.19 -8.23 19.23
N VAL A 246 12.47 -8.17 18.91
CA VAL A 246 12.99 -8.66 17.62
C VAL A 246 12.60 -10.11 17.34
N LEU A 247 12.87 -10.99 18.30
CA LEU A 247 12.57 -12.42 18.12
C LEU A 247 11.07 -12.64 17.90
N VAL A 248 10.25 -11.95 18.68
CA VAL A 248 8.80 -12.03 18.52
C VAL A 248 8.43 -11.66 17.09
N LEU A 249 8.94 -10.52 16.63
CA LEU A 249 8.70 -10.05 15.27
C LEU A 249 9.08 -11.10 14.23
N ARG A 250 10.26 -11.70 14.41
CA ARG A 250 10.76 -12.74 13.52
C ARG A 250 9.76 -13.89 13.43
N ALA A 251 9.34 -14.38 14.59
CA ALA A 251 8.38 -15.47 14.68
C ALA A 251 7.11 -15.13 13.92
N VAL A 252 6.60 -13.92 14.17
CA VAL A 252 5.38 -13.45 13.51
C VAL A 252 5.52 -13.46 11.99
N VAL A 253 6.63 -12.89 11.51
CA VAL A 253 6.90 -12.84 10.07
C VAL A 253 6.97 -14.22 9.42
N ILE A 254 7.83 -15.09 9.97
CA ILE A 254 7.99 -16.42 9.40
C ILE A 254 6.67 -17.19 9.42
N ALA A 255 5.94 -17.10 10.53
CA ALA A 255 4.64 -17.75 10.63
C ALA A 255 3.68 -17.23 9.56
N PHE A 256 3.73 -15.92 9.34
CA PHE A 256 2.87 -15.29 8.35
C PHE A 256 3.17 -15.85 6.96
N VAL A 257 4.41 -15.67 6.51
CA VAL A 257 4.77 -16.12 5.17
C VAL A 257 4.48 -17.61 4.99
N VAL A 258 4.98 -18.44 5.89
CA VAL A 258 4.78 -19.89 5.81
C VAL A 258 3.30 -20.29 5.80
N CYS A 259 2.45 -19.52 6.47
CA CYS A 259 1.02 -19.85 6.51
C CYS A 259 0.25 -19.36 5.29
N TRP A 260 0.61 -18.19 4.77
CA TRP A 260 -0.13 -17.58 3.68
C TRP A 260 0.38 -18.01 2.30
N LEU A 261 1.56 -18.63 2.27
CA LEU A 261 2.14 -19.10 1.00
C LEU A 261 1.28 -20.09 0.20
N PRO A 262 0.75 -21.15 0.84
CA PRO A 262 -0.07 -22.06 0.02
C PRO A 262 -1.43 -21.45 -0.33
N TYR A 263 -1.93 -20.57 0.53
CA TYR A 263 -3.17 -19.86 0.28
C TYR A 263 -3.13 -19.10 -1.05
N HIS A 264 -2.10 -18.28 -1.21
CA HIS A 264 -1.93 -17.50 -2.44
C HIS A 264 -1.66 -18.41 -3.64
N VAL A 265 -0.87 -19.46 -3.43
CA VAL A 265 -0.59 -20.43 -4.48
C VAL A 265 -1.87 -21.10 -4.94
N ARG A 266 -2.74 -21.43 -3.98
CA ARG A 266 -4.02 -22.05 -4.27
C ARG A 266 -4.87 -21.15 -5.16
N ARG A 267 -4.87 -19.86 -4.85
CA ARG A 267 -5.62 -18.88 -5.65
C ARG A 267 -4.98 -18.71 -7.02
N LEU A 268 -3.65 -18.80 -7.07
CA LEU A 268 -2.95 -18.80 -8.35
C LEU A 268 -3.26 -20.08 -9.11
N MET A 269 -3.26 -21.19 -8.39
CA MET A 269 -3.62 -22.49 -8.95
C MET A 269 -5.04 -22.47 -9.50
N PHE A 270 -5.92 -21.75 -8.82
CA PHE A 270 -7.33 -21.67 -9.19
C PHE A 270 -7.56 -21.14 -10.60
N VAL A 271 -6.65 -20.30 -11.08
CA VAL A 271 -6.83 -19.64 -12.37
C VAL A 271 -5.81 -20.11 -13.41
N TYR A 272 -4.61 -20.46 -12.96
CA TYR A 272 -3.52 -20.83 -13.86
C TYR A 272 -3.69 -22.23 -14.47
N ILE A 273 -4.79 -22.90 -14.15
CA ILE A 273 -5.07 -24.22 -14.73
C ILE A 273 -6.28 -24.16 -15.65
N SER A 274 -6.10 -24.61 -16.89
CA SER A 274 -7.15 -24.52 -17.90
C SER A 274 -8.26 -25.55 -17.67
N ASP A 275 -9.40 -25.31 -18.31
CA ASP A 275 -10.58 -26.16 -18.15
C ASP A 275 -10.32 -27.59 -18.60
N GLU A 276 -9.57 -27.73 -19.69
CA GLU A 276 -9.23 -29.04 -20.21
C GLU A 276 -8.35 -29.80 -19.22
N GLN A 277 -7.51 -29.05 -18.50
CA GLN A 277 -6.64 -29.62 -17.50
C GLN A 277 -7.40 -29.95 -16.22
N TRP A 278 -8.47 -29.21 -15.96
CA TRP A 278 -9.29 -29.44 -14.78
C TRP A 278 -10.09 -30.73 -14.86
N THR A 279 -9.63 -31.74 -14.13
CA THR A 279 -10.34 -33.01 -14.01
C THR A 279 -10.91 -33.14 -12.61
N THR A 280 -11.59 -34.25 -12.35
CA THR A 280 -12.18 -34.49 -11.04
C THR A 280 -11.10 -34.67 -9.97
N ALA A 281 -9.96 -35.24 -10.38
CA ALA A 281 -8.83 -35.44 -9.48
C ALA A 281 -8.28 -34.10 -9.00
N LEU A 282 -7.99 -33.21 -9.93
CA LEU A 282 -7.48 -31.89 -9.59
C LEU A 282 -8.54 -31.06 -8.87
N PHE A 283 -9.80 -31.40 -9.11
CA PHE A 283 -10.93 -30.75 -8.45
C PHE A 283 -10.90 -31.05 -6.96
N ASP A 284 -11.07 -32.33 -6.63
CA ASP A 284 -11.06 -32.79 -5.25
C ASP A 284 -9.76 -32.40 -4.55
N PHE A 285 -8.64 -32.57 -5.25
CA PHE A 285 -7.33 -32.17 -4.72
C PHE A 285 -7.30 -30.69 -4.38
N TYR A 286 -7.90 -29.88 -5.25
CA TYR A 286 -7.98 -28.44 -5.02
C TYR A 286 -8.81 -28.15 -3.78
N HIS A 287 -9.82 -28.98 -3.54
CA HIS A 287 -10.68 -28.77 -2.36
C HIS A 287 -10.01 -29.18 -1.05
N TYR A 288 -9.33 -30.32 -1.04
CA TYR A 288 -8.57 -30.73 0.14
C TYR A 288 -7.48 -29.70 0.42
N PHE A 289 -6.87 -29.20 -0.65
CA PHE A 289 -5.84 -28.17 -0.53
C PHE A 289 -6.45 -26.88 -0.02
N TYR A 290 -7.72 -26.66 -0.32
CA TYR A 290 -8.45 -25.51 0.20
C TYR A 290 -8.61 -25.65 1.71
N MET A 291 -9.06 -26.82 2.13
CA MET A 291 -9.18 -27.15 3.55
C MET A 291 -7.86 -26.88 4.27
N LEU A 292 -6.79 -27.46 3.73
CA LEU A 292 -5.45 -27.31 4.30
C LEU A 292 -5.00 -25.85 4.39
N SER A 293 -5.02 -25.15 3.25
CA SER A 293 -4.54 -23.77 3.20
C SER A 293 -5.33 -22.83 4.10
N ASN A 294 -6.65 -22.93 4.08
CA ASN A 294 -7.49 -22.12 4.95
C ASN A 294 -7.25 -22.43 6.42
N ALA A 295 -7.09 -23.71 6.73
CA ALA A 295 -6.73 -24.12 8.08
C ALA A 295 -5.45 -23.42 8.52
N LEU A 296 -4.46 -23.40 7.63
CA LEU A 296 -3.20 -22.72 7.90
C LEU A 296 -3.40 -21.22 8.10
N VAL A 297 -4.34 -20.65 7.36
CA VAL A 297 -4.67 -19.24 7.50
C VAL A 297 -5.21 -18.93 8.89
N TYR A 298 -6.20 -19.70 9.33
CA TYR A 298 -6.78 -19.51 10.66
C TYR A 298 -5.77 -19.79 11.77
N VAL A 299 -4.83 -20.70 11.48
CA VAL A 299 -3.71 -20.94 12.38
C VAL A 299 -2.87 -19.68 12.52
N SER A 300 -2.60 -19.05 11.38
CA SER A 300 -1.86 -17.78 11.37
C SER A 300 -2.61 -16.69 12.11
N ALA A 301 -3.94 -16.79 12.11
CA ALA A 301 -4.77 -15.84 12.83
C ALA A 301 -4.66 -16.05 14.34
N ALA A 302 -4.71 -17.31 14.77
CA ALA A 302 -4.71 -17.63 16.20
C ALA A 302 -3.31 -17.69 16.83
N ILE A 303 -2.28 -17.63 16.00
CA ILE A 303 -0.90 -17.82 16.49
C ILE A 303 -0.33 -16.61 17.21
N ASN A 304 -0.88 -15.43 16.92
CA ASN A 304 -0.36 -14.18 17.47
C ASN A 304 -0.33 -14.06 19.01
N PRO A 305 -1.47 -14.30 19.69
CA PRO A 305 -1.43 -14.14 21.14
C PRO A 305 -0.52 -15.15 21.81
N ILE A 306 -0.33 -16.30 21.17
CA ILE A 306 0.54 -17.34 21.69
C ILE A 306 2.01 -16.92 21.59
N LEU A 307 2.35 -16.26 20.49
CA LEU A 307 3.69 -15.72 20.30
C LEU A 307 3.98 -14.58 21.27
N TYR A 308 2.92 -13.90 21.70
CA TYR A 308 3.06 -12.81 22.65
C TYR A 308 3.27 -13.34 24.08
N ASN A 309 2.41 -14.27 24.49
CA ASN A 309 2.45 -14.81 25.84
C ASN A 309 3.74 -15.56 26.15
N LEU A 310 4.08 -16.51 25.27
CA LEU A 310 5.22 -17.40 25.47
C LEU A 310 6.53 -16.67 25.74
N VAL A 311 6.81 -15.64 24.94
CA VAL A 311 8.07 -14.91 25.02
C VAL A 311 8.11 -13.82 26.09
N SER A 312 6.98 -13.13 26.28
CA SER A 312 6.95 -11.94 27.13
C SER A 312 6.82 -12.21 28.63
N ALA A 313 6.17 -13.33 28.99
CA ALA A 313 5.94 -13.71 30.39
C ALA A 313 5.05 -12.72 31.15
N ASN A 314 5.33 -11.41 31.04
CA ASN A 314 4.53 -10.40 31.72
C ASN A 314 3.15 -10.31 31.07
N PHE A 315 3.11 -10.38 29.75
CA PHE A 315 1.85 -10.39 29.03
C PHE A 315 1.06 -11.62 29.45
N ARG A 316 1.77 -12.71 29.74
CA ARG A 316 1.13 -13.96 30.15
C ARG A 316 0.56 -13.86 31.56
N GLN A 317 1.31 -13.24 32.47
CA GLN A 317 0.85 -13.08 33.84
C GLN A 317 -0.35 -12.13 33.94
N VAL A 318 -0.31 -11.04 33.18
CA VAL A 318 -1.44 -10.11 33.16
C VAL A 318 -2.63 -10.72 32.40
N PHE A 319 -2.33 -11.59 31.44
CA PHE A 319 -3.34 -12.33 30.71
C PHE A 319 -4.10 -13.22 31.69
N LEU A 320 -3.35 -13.98 32.47
CA LEU A 320 -3.93 -14.88 33.46
C LEU A 320 -4.69 -14.08 34.50
N SER A 321 -4.17 -12.89 34.82
CA SER A 321 -4.83 -12.00 35.78
C SER A 321 -6.19 -11.56 35.28
N THR A 322 -6.25 -11.16 34.01
CA THR A 322 -7.49 -10.68 33.41
C THR A 322 -8.52 -11.80 33.19
N LEU A 323 -8.04 -12.98 32.78
CA LEU A 323 -8.94 -14.11 32.62
C LEU A 323 -9.44 -14.57 33.98
N ALA A 324 -8.65 -14.29 35.02
CA ALA A 324 -9.08 -14.53 36.38
C ALA A 324 -10.12 -13.48 36.80
N CYS A 325 -9.98 -12.28 36.25
CA CYS A 325 -10.94 -11.21 36.50
C CYS A 325 -12.30 -11.55 35.89
N LEU A 326 -12.28 -12.12 34.69
CA LEU A 326 -13.52 -12.51 34.02
C LEU A 326 -14.10 -13.78 34.64
N CYS A 327 -13.40 -14.90 34.44
CA CYS A 327 -13.82 -16.19 34.95
C CYS A 327 -15.22 -16.57 34.48
N SER B 8 -17.77 38.05 -6.17
CA SER B 8 -16.43 38.58 -6.38
C SER B 8 -15.50 38.26 -5.21
N ASP B 9 -16.03 37.54 -4.22
CA ASP B 9 -15.24 37.14 -3.06
C ASP B 9 -14.24 36.07 -3.44
N LEU B 10 -14.52 35.37 -4.53
CA LEU B 10 -13.67 34.27 -5.00
C LEU B 10 -12.37 34.75 -5.65
N ASP B 11 -12.27 36.05 -5.90
CA ASP B 11 -11.07 36.60 -6.52
C ASP B 11 -9.84 36.40 -5.64
N VAL B 12 -8.67 36.36 -6.26
CA VAL B 12 -7.43 36.19 -5.53
C VAL B 12 -6.47 37.34 -5.80
N ASN B 13 -6.06 38.03 -4.74
CA ASN B 13 -5.11 39.12 -4.88
C ASN B 13 -3.68 38.62 -4.98
N THR B 14 -3.18 38.52 -6.20
CA THR B 14 -1.82 38.05 -6.44
C THR B 14 -1.14 38.95 -7.46
N ASP B 15 0.10 39.33 -7.19
CA ASP B 15 0.87 40.15 -8.11
C ASP B 15 1.08 39.39 -9.43
N ILE B 16 0.94 40.10 -10.53
CA ILE B 16 1.10 39.53 -11.86
C ILE B 16 2.52 39.00 -12.08
N TYR B 17 3.48 39.64 -11.43
CA TYR B 17 4.89 39.25 -11.56
C TYR B 17 5.12 37.79 -11.15
N SER B 18 4.52 37.40 -10.03
CA SER B 18 4.65 36.02 -9.54
C SER B 18 3.95 35.06 -10.48
N LYS B 19 2.81 35.49 -11.02
CA LYS B 19 2.05 34.68 -11.97
C LYS B 19 2.88 34.37 -13.21
N VAL B 20 3.44 35.42 -13.81
CA VAL B 20 4.28 35.27 -15.00
C VAL B 20 5.54 34.45 -14.70
N LEU B 21 6.13 34.70 -13.53
CA LEU B 21 7.30 33.95 -13.10
C LEU B 21 7.01 32.46 -13.05
N VAL B 22 6.03 32.08 -12.22
CA VAL B 22 5.65 30.68 -12.06
C VAL B 22 5.19 30.08 -13.39
N THR B 23 4.66 30.93 -14.27
CA THR B 23 4.27 30.49 -15.60
C THR B 23 5.48 30.05 -16.41
N ALA B 24 6.45 30.94 -16.52
CA ALA B 24 7.69 30.65 -17.26
C ALA B 24 8.41 29.44 -16.67
N ILE B 25 8.45 29.38 -15.34
CA ILE B 25 9.03 28.24 -14.65
C ILE B 25 8.34 26.95 -15.07
N TYR B 26 7.00 26.99 -15.06
CA TYR B 26 6.20 25.83 -15.47
C TYR B 26 6.48 25.45 -16.91
N LEU B 27 6.76 26.44 -17.74
CA LEU B 27 7.08 26.19 -19.14
C LEU B 27 8.41 25.44 -19.26
N ALA B 28 9.42 25.95 -18.56
CA ALA B 28 10.74 25.32 -18.57
C ALA B 28 10.68 23.88 -18.07
N LEU B 29 10.05 23.70 -16.91
CA LEU B 29 9.87 22.37 -16.33
C LEU B 29 9.10 21.47 -17.28
N PHE B 30 8.14 22.05 -17.99
CA PHE B 30 7.34 21.29 -18.95
C PHE B 30 8.19 20.76 -20.08
N VAL B 31 8.88 21.65 -20.79
CA VAL B 31 9.71 21.22 -21.92
C VAL B 31 10.81 20.26 -21.49
N VAL B 32 11.56 20.62 -20.45
CA VAL B 32 12.65 19.78 -19.96
C VAL B 32 12.16 18.40 -19.54
N GLY B 33 11.12 18.37 -18.71
CA GLY B 33 10.58 17.11 -18.23
C GLY B 33 10.04 16.25 -19.35
N THR B 34 9.30 16.87 -20.27
CA THR B 34 8.71 16.15 -21.39
C THR B 34 9.76 15.54 -22.29
N VAL B 35 10.78 16.31 -22.67
CA VAL B 35 11.84 15.76 -23.52
C VAL B 35 12.63 14.67 -22.79
N GLY B 36 12.98 14.92 -21.53
CA GLY B 36 13.73 13.97 -20.73
C GLY B 36 13.03 12.63 -20.59
N ASN B 37 11.85 12.65 -19.98
CA ASN B 37 11.08 11.43 -19.77
C ASN B 37 10.66 10.80 -21.09
N GLY B 38 10.41 11.64 -22.09
CA GLY B 38 10.03 11.17 -23.40
C GLY B 38 11.09 10.31 -24.04
N VAL B 39 12.30 10.86 -24.16
CA VAL B 39 13.42 10.10 -24.72
C VAL B 39 13.79 8.93 -23.80
N THR B 40 13.49 9.08 -22.51
CA THR B 40 13.69 7.99 -21.56
C THR B 40 12.84 6.79 -21.96
N LEU B 41 11.55 7.02 -22.21
CA LEU B 41 10.67 5.97 -22.67
C LEU B 41 11.07 5.47 -24.06
N PHE B 42 11.58 6.38 -24.88
CA PHE B 42 12.01 6.04 -26.24
C PHE B 42 13.19 5.06 -26.21
N THR B 43 14.03 5.18 -25.19
CA THR B 43 15.18 4.30 -25.06
C THR B 43 14.70 2.88 -24.79
N LEU B 44 13.64 2.77 -23.98
CA LEU B 44 13.01 1.49 -23.72
C LEU B 44 12.34 0.97 -24.98
N ALA B 45 11.78 1.89 -25.75
CA ALA B 45 11.08 1.56 -27.00
C ALA B 45 12.04 1.05 -28.07
N ARG B 46 13.32 1.36 -27.91
CA ARG B 46 14.34 0.92 -28.87
C ARG B 46 14.32 -0.59 -29.15
N LYS B 47 14.26 -1.40 -28.09
CA LYS B 47 14.34 -2.84 -28.23
C LYS B 47 13.10 -3.48 -28.86
N LYS B 48 12.04 -2.70 -29.01
CA LYS B 48 10.82 -3.19 -29.65
C LYS B 48 10.64 -2.58 -31.04
N SER B 55 17.35 -3.78 -17.57
CA SER B 55 16.68 -4.93 -17.00
C SER B 55 15.44 -4.51 -16.21
N ARG B 56 15.37 -4.96 -14.96
CA ARG B 56 14.27 -4.63 -14.07
C ARG B 56 14.18 -3.14 -13.80
N VAL B 57 15.32 -2.54 -13.46
CA VAL B 57 15.39 -1.11 -13.18
C VAL B 57 15.00 -0.27 -14.40
N ASP B 58 15.12 -0.86 -15.58
CA ASP B 58 14.66 -0.18 -16.79
C ASP B 58 13.15 -0.12 -16.82
N TYR B 59 12.51 -1.19 -16.34
CA TYR B 59 11.05 -1.22 -16.22
C TYR B 59 10.57 -0.24 -15.15
N TYR B 60 11.26 -0.23 -14.02
CA TYR B 60 10.94 0.68 -12.93
C TYR B 60 11.06 2.14 -13.37
N LEU B 61 12.20 2.48 -13.95
CA LEU B 61 12.44 3.82 -14.48
C LEU B 61 11.41 4.16 -15.56
N GLY B 62 10.98 3.13 -16.29
CA GLY B 62 9.93 3.29 -17.28
C GLY B 62 8.63 3.74 -16.63
N SER B 63 8.25 3.05 -15.56
CA SER B 63 7.04 3.40 -14.80
C SER B 63 7.12 4.81 -14.22
N LEU B 64 8.26 5.11 -13.59
CA LEU B 64 8.49 6.43 -13.01
C LEU B 64 8.36 7.53 -14.04
N ALA B 65 9.14 7.43 -15.11
CA ALA B 65 9.11 8.41 -16.18
C ALA B 65 7.74 8.48 -16.84
N LEU B 66 7.00 7.38 -16.79
CA LEU B 66 5.64 7.35 -17.32
C LEU B 66 4.72 8.23 -16.48
N SER B 67 4.77 8.04 -15.16
CA SER B 67 4.00 8.85 -14.23
C SER B 67 4.38 10.33 -14.37
N ASP B 68 5.68 10.57 -14.47
CA ASP B 68 6.20 11.92 -14.70
C ASP B 68 5.61 12.52 -15.96
N LEU B 69 5.56 11.74 -17.02
CA LEU B 69 4.95 12.20 -18.27
C LEU B 69 3.48 12.51 -18.08
N LEU B 70 2.80 11.71 -17.26
CA LEU B 70 1.39 11.93 -16.97
C LEU B 70 1.16 13.29 -16.30
N ILE B 71 1.86 13.51 -15.18
CA ILE B 71 1.72 14.76 -14.46
C ILE B 71 2.15 15.98 -15.29
N LEU B 72 3.25 15.84 -16.02
CA LEU B 72 3.77 16.93 -16.84
C LEU B 72 2.79 17.31 -17.96
N LEU B 73 2.41 16.33 -18.77
CA LEU B 73 1.49 16.59 -19.88
C LEU B 73 0.10 17.05 -19.43
N PHE B 74 -0.45 16.38 -18.41
CA PHE B 74 -1.85 16.62 -18.05
C PHE B 74 -2.08 17.63 -16.93
N ALA B 75 -1.29 17.54 -15.85
CA ALA B 75 -1.53 18.39 -14.68
C ALA B 75 -1.03 19.83 -14.84
N LEU B 76 0.08 20.00 -15.56
CA LEU B 76 0.66 21.33 -15.78
C LEU B 76 -0.28 22.39 -16.37
N PRO B 77 -0.89 22.10 -17.54
CA PRO B 77 -1.70 23.17 -18.12
C PRO B 77 -2.98 23.44 -17.33
N VAL B 78 -3.45 22.45 -16.58
CA VAL B 78 -4.60 22.63 -15.72
C VAL B 78 -4.29 23.62 -14.60
N ASP B 79 -3.14 23.44 -13.97
CA ASP B 79 -2.69 24.36 -12.92
C ASP B 79 -2.49 25.76 -13.48
N LEU B 80 -1.84 25.83 -14.63
CA LEU B 80 -1.59 27.10 -15.29
C LEU B 80 -2.89 27.83 -15.60
N TYR B 81 -3.81 27.15 -16.27
CA TYR B 81 -5.05 27.78 -16.71
C TYR B 81 -5.91 28.22 -15.54
N ASN B 82 -6.36 27.27 -14.72
CA ASN B 82 -7.32 27.57 -13.66
C ASN B 82 -6.72 27.96 -12.33
N PHE B 83 -5.79 27.16 -11.82
CA PHE B 83 -5.27 27.34 -10.48
C PHE B 83 -4.49 28.63 -10.24
N ILE B 84 -3.77 29.10 -11.26
CA ILE B 84 -2.96 30.31 -11.09
C ILE B 84 -3.47 31.53 -11.87
N TRP B 85 -3.92 31.31 -13.11
CA TRP B 85 -4.39 32.42 -13.93
C TRP B 85 -5.86 32.77 -13.71
N VAL B 86 -6.73 31.79 -13.88
CA VAL B 86 -8.18 32.03 -13.86
C VAL B 86 -8.78 32.10 -12.47
N HIS B 87 -8.36 31.18 -11.59
CA HIS B 87 -8.91 31.04 -10.23
C HIS B 87 -10.34 30.49 -10.24
N HIS B 88 -11.23 31.19 -10.95
CA HIS B 88 -12.63 30.77 -11.07
C HIS B 88 -13.27 31.42 -12.30
N PRO B 89 -14.27 30.75 -12.89
CA PRO B 89 -14.80 29.44 -12.49
C PRO B 89 -14.04 28.27 -13.12
N TRP B 90 -14.21 27.08 -12.53
CA TRP B 90 -13.61 25.86 -13.07
C TRP B 90 -14.21 25.51 -14.44
N ALA B 91 -13.37 25.52 -15.46
CA ALA B 91 -13.83 25.33 -16.84
C ALA B 91 -13.83 23.89 -17.33
N PHE B 92 -12.99 23.05 -16.74
CA PHE B 92 -12.82 21.68 -17.21
C PHE B 92 -13.92 20.71 -16.78
N GLY B 93 -14.83 21.18 -15.92
CA GLY B 93 -15.95 20.36 -15.49
C GLY B 93 -15.66 19.45 -14.31
N ASP B 94 -16.69 18.73 -13.88
CA ASP B 94 -16.58 17.82 -12.73
C ASP B 94 -15.68 16.63 -13.05
N ALA B 95 -15.86 16.06 -14.24
CA ALA B 95 -15.00 14.97 -14.70
C ALA B 95 -13.56 15.45 -14.77
N GLY B 96 -13.38 16.69 -15.20
CA GLY B 96 -12.08 17.32 -15.24
C GLY B 96 -11.45 17.39 -13.86
N CYS B 97 -12.22 17.90 -12.90
CA CYS B 97 -11.75 18.03 -11.52
C CYS B 97 -11.38 16.68 -10.90
N LYS B 98 -12.38 15.83 -10.73
CA LYS B 98 -12.19 14.52 -10.12
C LYS B 98 -11.11 13.70 -10.82
N GLY B 99 -11.16 13.69 -12.15
CA GLY B 99 -10.16 12.99 -12.95
C GLY B 99 -8.77 13.53 -12.71
N TYR B 100 -8.66 14.86 -12.60
CA TYR B 100 -7.40 15.52 -12.35
C TYR B 100 -6.80 15.09 -11.01
N TYR B 101 -7.56 15.29 -9.94
CA TYR B 101 -7.07 14.96 -8.60
C TYR B 101 -6.77 13.47 -8.44
N PHE B 102 -7.62 12.63 -9.01
CA PHE B 102 -7.41 11.19 -9.01
C PHE B 102 -6.08 10.86 -9.71
N LEU B 103 -5.87 11.49 -10.87
CA LEU B 103 -4.62 11.32 -11.61
C LEU B 103 -3.42 11.71 -10.76
N ARG B 104 -3.52 12.86 -10.10
CA ARG B 104 -2.46 13.36 -9.23
C ARG B 104 -2.10 12.32 -8.16
N GLU B 105 -3.09 11.94 -7.37
CA GLU B 105 -2.88 10.98 -6.29
C GLU B 105 -2.32 9.65 -6.78
N ALA B 106 -2.91 9.12 -7.85
CA ALA B 106 -2.45 7.87 -8.44
C ALA B 106 -0.98 7.97 -8.86
N CYS B 107 -0.61 9.10 -9.45
CA CYS B 107 0.77 9.33 -9.85
C CYS B 107 1.71 9.40 -8.66
N THR B 108 1.26 10.03 -7.58
CA THR B 108 2.06 10.13 -6.37
C THR B 108 2.33 8.75 -5.77
N TYR B 109 1.25 7.97 -5.60
CA TYR B 109 1.36 6.62 -5.07
C TYR B 109 2.26 5.74 -5.95
N ALA B 110 2.05 5.84 -7.26
CA ALA B 110 2.84 5.08 -8.24
C ALA B 110 4.32 5.40 -8.11
N THR B 111 4.64 6.70 -8.08
CA THR B 111 6.02 7.15 -7.94
C THR B 111 6.65 6.62 -6.64
N ALA B 112 5.96 6.83 -5.53
CA ALA B 112 6.46 6.40 -4.23
C ALA B 112 6.73 4.90 -4.18
N LEU B 113 5.75 4.11 -4.63
CA LEU B 113 5.88 2.65 -4.63
C LEU B 113 7.00 2.20 -5.55
N ASN B 114 7.15 2.85 -6.70
CA ASN B 114 8.25 2.56 -7.61
C ASN B 114 9.60 2.80 -6.93
N VAL B 115 9.69 3.91 -6.20
CA VAL B 115 10.92 4.24 -5.47
C VAL B 115 11.23 3.17 -4.42
N VAL B 116 10.25 2.85 -3.59
CA VAL B 116 10.43 1.86 -2.53
C VAL B 116 10.85 0.50 -3.09
N SER B 117 10.12 0.05 -4.11
CA SER B 117 10.44 -1.22 -4.76
C SER B 117 11.83 -1.20 -5.37
N LEU B 118 12.24 -0.03 -5.87
CA LEU B 118 13.59 0.14 -6.40
C LEU B 118 14.63 -0.01 -5.31
N SER B 119 14.36 0.56 -4.14
CA SER B 119 15.26 0.43 -3.00
C SER B 119 15.37 -1.04 -2.59
N VAL B 120 14.23 -1.73 -2.56
CA VAL B 120 14.18 -3.13 -2.21
C VAL B 120 15.03 -3.97 -3.16
N GLU B 121 14.79 -3.79 -4.46
CA GLU B 121 15.52 -4.54 -5.48
C GLU B 121 17.00 -4.18 -5.49
N LEU B 122 17.32 -2.98 -5.01
CA LEU B 122 18.70 -2.55 -4.90
C LEU B 122 19.40 -3.29 -3.78
N TYR B 123 18.76 -3.30 -2.60
CA TYR B 123 19.27 -4.04 -1.46
C TYR B 123 19.46 -5.51 -1.82
N LEU B 124 18.47 -6.07 -2.50
CA LEU B 124 18.55 -7.46 -2.95
C LEU B 124 19.64 -7.64 -4.00
N ALA B 125 19.91 -6.59 -4.78
CA ALA B 125 20.94 -6.64 -5.79
C ALA B 125 22.33 -6.71 -5.18
N ILE B 126 22.55 -5.90 -4.14
CA ILE B 126 23.87 -5.83 -3.51
C ILE B 126 24.11 -7.00 -2.54
N CYS B 127 23.07 -7.39 -1.81
CA CYS B 127 23.22 -8.45 -0.82
C CYS B 127 23.06 -9.84 -1.45
N HIS B 128 22.27 -9.92 -2.52
CA HIS B 128 22.05 -11.19 -3.20
C HIS B 128 22.15 -11.02 -4.71
N PRO B 129 23.39 -10.89 -5.22
CA PRO B 129 23.61 -10.73 -6.67
C PRO B 129 23.20 -11.98 -7.45
N ALA B 132 17.61 -15.34 -5.71
CA ALA B 132 17.27 -13.92 -5.78
C ALA B 132 17.40 -13.39 -7.20
N LYS B 133 18.05 -14.16 -8.06
CA LYS B 133 18.19 -13.80 -9.46
C LYS B 133 17.03 -14.42 -10.22
N THR B 134 16.57 -15.58 -9.75
CA THR B 134 15.45 -16.26 -10.38
C THR B 134 14.17 -15.48 -10.08
N LEU B 135 14.18 -14.75 -8.97
CA LEU B 135 13.04 -13.93 -8.59
C LEU B 135 12.95 -12.73 -9.50
N MET B 136 11.81 -12.05 -9.46
CA MET B 136 11.58 -10.86 -10.27
C MET B 136 11.81 -11.15 -11.76
N SER B 137 11.09 -12.13 -12.30
CA SER B 137 11.13 -12.42 -13.72
C SER B 137 10.41 -11.30 -14.47
N ARG B 138 10.80 -11.08 -15.72
CA ARG B 138 10.30 -9.96 -16.51
C ARG B 138 8.77 -9.94 -16.64
N SER B 139 8.18 -11.11 -16.82
CA SER B 139 6.73 -11.24 -16.87
C SER B 139 6.12 -10.84 -15.54
N ARG B 140 6.57 -11.49 -14.49
CA ARG B 140 6.12 -11.20 -13.13
C ARG B 140 6.51 -9.79 -12.70
N THR B 141 7.57 -9.26 -13.30
CA THR B 141 7.99 -7.88 -13.05
C THR B 141 6.96 -6.92 -13.60
N LYS B 142 6.55 -7.12 -14.85
CA LYS B 142 5.51 -6.30 -15.46
C LYS B 142 4.20 -6.45 -14.71
N LYS B 143 3.93 -7.66 -14.24
CA LYS B 143 2.76 -7.93 -13.40
C LYS B 143 2.82 -7.08 -12.13
N PHE B 144 4.02 -6.97 -11.57
CA PHE B 144 4.24 -6.18 -10.36
C PHE B 144 4.09 -4.69 -10.63
N ILE B 145 4.48 -4.26 -11.81
CA ILE B 145 4.34 -2.85 -12.20
C ILE B 145 2.87 -2.49 -12.36
N SER B 146 2.14 -3.33 -13.11
CA SER B 146 0.71 -3.16 -13.26
C SER B 146 0.02 -3.19 -11.91
N ALA B 147 0.54 -4.02 -11.02
CA ALA B 147 0.06 -4.09 -9.64
C ALA B 147 0.24 -2.76 -8.93
N ILE B 148 1.42 -2.16 -9.11
CA ILE B 148 1.70 -0.84 -8.54
C ILE B 148 0.71 0.21 -9.06
N TRP B 149 0.52 0.23 -10.37
CA TRP B 149 -0.40 1.18 -10.99
C TRP B 149 -1.84 1.01 -10.47
N LEU B 150 -2.34 -0.21 -10.51
CA LEU B 150 -3.71 -0.49 -10.09
C LEU B 150 -3.93 -0.20 -8.61
N ALA B 151 -2.95 -0.57 -7.79
CA ALA B 151 -3.00 -0.27 -6.36
C ALA B 151 -3.03 1.23 -6.14
N SER B 152 -2.21 1.95 -6.91
CA SER B 152 -2.16 3.40 -6.85
C SER B 152 -3.53 4.00 -7.17
N ALA B 153 -4.20 3.42 -8.16
CA ALA B 153 -5.55 3.84 -8.52
C ALA B 153 -6.51 3.61 -7.37
N LEU B 154 -6.43 2.42 -6.79
CA LEU B 154 -7.27 2.04 -5.65
C LEU B 154 -7.11 3.01 -4.48
N LEU B 155 -5.88 3.43 -4.25
CA LEU B 155 -5.60 4.38 -3.17
C LEU B 155 -6.02 5.80 -3.55
N ALA B 156 -6.07 6.07 -4.85
CA ALA B 156 -6.44 7.38 -5.35
C ALA B 156 -7.95 7.55 -5.45
N ILE B 157 -8.66 6.44 -5.31
CA ILE B 157 -10.13 6.41 -5.38
C ILE B 157 -10.89 7.49 -4.58
N PRO B 158 -10.53 7.73 -3.30
CA PRO B 158 -11.25 8.74 -2.51
C PRO B 158 -11.39 10.11 -3.17
N MET B 159 -10.42 10.50 -3.98
CA MET B 159 -10.47 11.79 -4.67
C MET B 159 -11.64 11.88 -5.65
N LEU B 160 -12.09 10.73 -6.14
CA LEU B 160 -13.25 10.68 -7.02
C LEU B 160 -14.51 11.02 -6.24
N PHE B 161 -14.47 10.78 -4.94
CA PHE B 161 -15.60 11.08 -4.07
C PHE B 161 -15.45 12.42 -3.36
N THR B 162 -14.25 12.67 -2.83
CA THR B 162 -14.00 13.89 -2.07
C THR B 162 -14.10 15.16 -2.93
N MET B 163 -13.36 15.21 -4.03
CA MET B 163 -13.35 16.39 -4.88
C MET B 163 -14.57 16.46 -5.78
N GLY B 164 -14.91 17.67 -6.22
CA GLY B 164 -16.05 17.87 -7.09
C GLY B 164 -16.24 19.33 -7.46
N LEU B 165 -17.49 19.72 -7.70
CA LEU B 165 -17.82 21.10 -8.07
C LEU B 165 -18.88 21.71 -7.14
N GLN B 166 -18.65 22.96 -6.75
CA GLN B 166 -19.63 23.71 -5.95
C GLN B 166 -19.69 25.15 -6.41
N ASN B 167 -20.92 25.68 -6.55
CA ASN B 167 -21.09 27.08 -6.88
C ASN B 167 -21.05 27.92 -5.62
N LEU B 168 -19.94 28.61 -5.42
CA LEU B 168 -19.72 29.36 -4.19
C LEU B 168 -19.98 30.85 -4.35
N SER B 169 -20.96 31.18 -5.18
CA SER B 169 -21.34 32.58 -5.38
C SER B 169 -22.12 33.09 -4.18
N GLY B 170 -22.43 34.38 -4.18
CA GLY B 170 -23.21 34.98 -3.12
C GLY B 170 -24.56 34.30 -3.01
N ASP B 171 -25.28 34.28 -4.13
CA ASP B 171 -26.56 33.57 -4.22
C ASP B 171 -26.34 32.11 -4.62
N GLY B 172 -25.19 31.83 -5.21
CA GLY B 172 -24.87 30.48 -5.65
C GLY B 172 -25.41 30.19 -7.04
N THR B 173 -25.96 31.22 -7.68
CA THR B 173 -26.52 31.08 -9.02
C THR B 173 -25.50 31.50 -10.08
N HIS B 174 -24.62 32.42 -9.72
CA HIS B 174 -23.64 32.96 -10.66
C HIS B 174 -22.69 31.88 -11.17
N PRO B 175 -22.60 31.74 -12.52
CA PRO B 175 -21.75 30.77 -13.20
C PRO B 175 -20.28 30.94 -12.85
N GLY B 176 -19.86 32.17 -12.56
CA GLY B 176 -18.48 32.45 -12.22
C GLY B 176 -18.10 31.96 -10.83
N GLY B 177 -19.09 31.42 -10.11
CA GLY B 177 -18.87 30.92 -8.77
C GLY B 177 -18.62 29.44 -8.75
N LEU B 178 -18.69 28.82 -9.92
CA LEU B 178 -18.41 27.39 -10.06
C LEU B 178 -16.96 27.12 -9.66
N VAL B 179 -16.75 26.18 -8.75
CA VAL B 179 -15.43 25.96 -8.20
C VAL B 179 -15.13 24.47 -7.98
N CYS B 180 -13.98 24.03 -8.48
CA CYS B 180 -13.51 22.67 -8.23
C CYS B 180 -13.03 22.57 -6.79
N THR B 181 -13.89 22.07 -5.91
CA THR B 181 -13.62 22.05 -4.48
C THR B 181 -14.02 20.71 -3.88
N PRO B 182 -13.43 20.35 -2.73
CA PRO B 182 -13.86 19.14 -2.00
C PRO B 182 -15.31 19.23 -1.54
N ILE B 183 -16.13 18.28 -1.98
CA ILE B 183 -17.54 18.27 -1.64
C ILE B 183 -17.77 17.73 -0.23
N VAL B 184 -16.90 16.84 0.21
CA VAL B 184 -17.06 16.17 1.49
C VAL B 184 -16.76 17.13 2.64
N ASP B 185 -17.23 16.80 3.83
CA ASP B 185 -17.06 17.66 5.01
C ASP B 185 -15.60 17.85 5.41
N THR B 186 -15.37 18.74 6.36
CA THR B 186 -14.03 19.06 6.83
C THR B 186 -13.34 17.85 7.46
N ALA B 187 -14.09 17.09 8.25
CA ALA B 187 -13.54 15.95 8.97
C ALA B 187 -12.99 14.88 8.04
N THR B 188 -13.83 14.41 7.12
CA THR B 188 -13.43 13.39 6.16
C THR B 188 -12.34 13.93 5.24
N LEU B 189 -12.33 15.24 5.04
CA LEU B 189 -11.27 15.88 4.29
C LEU B 189 -9.94 15.69 5.02
N ARG B 190 -9.93 16.00 6.31
CA ARG B 190 -8.77 15.76 7.15
C ARG B 190 -8.34 14.30 7.02
N VAL B 191 -9.33 13.41 7.04
CA VAL B 191 -9.08 11.99 6.92
C VAL B 191 -8.32 11.62 5.66
N VAL B 192 -8.88 11.94 4.49
CA VAL B 192 -8.26 11.58 3.22
C VAL B 192 -6.91 12.27 3.00
N ILE B 193 -6.80 13.51 3.47
CA ILE B 193 -5.53 14.23 3.40
C ILE B 193 -4.48 13.48 4.21
N GLN B 194 -4.88 13.00 5.39
CA GLN B 194 -4.00 12.19 6.23
C GLN B 194 -3.61 10.90 5.52
N LEU B 195 -4.58 10.27 4.84
CA LEU B 195 -4.32 9.03 4.10
C LEU B 195 -3.23 9.25 3.06
N ASN B 196 -3.42 10.25 2.21
CA ASN B 196 -2.44 10.56 1.17
C ASN B 196 -1.09 10.95 1.75
N THR B 197 -1.11 11.73 2.82
CA THR B 197 0.12 12.22 3.44
C THR B 197 0.95 11.08 4.02
N PHE B 198 0.31 10.19 4.77
CA PHE B 198 0.99 9.04 5.35
C PHE B 198 1.46 8.04 4.29
N MET B 199 0.54 7.66 3.40
CA MET B 199 0.80 6.57 2.46
C MET B 199 1.69 6.95 1.28
N SER B 200 1.57 8.19 0.82
CA SER B 200 2.29 8.62 -0.37
C SER B 200 3.57 9.40 -0.06
N PHE B 201 3.87 9.60 1.22
CA PHE B 201 5.04 10.40 1.57
C PHE B 201 5.84 9.83 2.75
N LEU B 202 5.31 9.99 3.96
CA LEU B 202 6.05 9.60 5.18
C LEU B 202 6.55 8.17 5.16
N PHE B 203 5.64 7.22 5.33
CA PHE B 203 5.98 5.80 5.39
C PHE B 203 6.89 5.29 4.25
N PRO B 204 6.49 5.51 2.98
CA PRO B 204 7.29 4.94 1.90
C PRO B 204 8.70 5.55 1.83
N MET B 205 8.81 6.86 2.02
CA MET B 205 10.11 7.52 1.99
C MET B 205 10.96 7.17 3.19
N LEU B 206 10.32 6.84 4.31
CA LEU B 206 11.03 6.38 5.48
C LEU B 206 11.66 5.03 5.18
N VAL B 207 10.84 4.13 4.63
CA VAL B 207 11.33 2.80 4.25
C VAL B 207 12.46 2.89 3.23
N ALA B 208 12.26 3.70 2.20
CA ALA B 208 13.26 3.89 1.14
C ALA B 208 14.56 4.48 1.70
N SER B 209 14.42 5.42 2.61
CA SER B 209 15.59 6.05 3.24
C SER B 209 16.35 5.03 4.04
N ILE B 210 15.62 4.19 4.78
CA ILE B 210 16.21 3.11 5.55
C ILE B 210 17.00 2.17 4.65
N LEU B 211 16.37 1.76 3.54
CA LEU B 211 17.01 0.85 2.61
C LEU B 211 18.23 1.48 1.93
N ASN B 212 18.21 2.80 1.77
CA ASN B 212 19.35 3.52 1.21
C ASN B 212 20.51 3.57 2.19
N THR B 213 20.19 3.81 3.45
CA THR B 213 21.19 3.84 4.51
C THR B 213 21.85 2.47 4.65
N VAL B 214 21.02 1.42 4.65
CA VAL B 214 21.50 0.05 4.73
C VAL B 214 22.36 -0.28 3.50
N ALA B 215 21.93 0.19 2.34
CA ALA B 215 22.68 -0.01 1.11
C ALA B 215 24.07 0.63 1.20
N ALA B 216 24.13 1.82 1.78
CA ALA B 216 25.40 2.53 1.94
C ALA B 216 26.31 1.81 2.92
N ARG B 217 25.76 1.44 4.07
CA ARG B 217 26.50 0.72 5.10
C ARG B 217 27.08 -0.58 4.56
N ARG B 218 26.23 -1.38 3.93
CA ARG B 218 26.64 -2.67 3.38
C ARG B 218 27.59 -2.49 2.21
N LEU B 219 27.51 -1.34 1.55
CA LEU B 219 28.46 -1.00 0.49
C LEU B 219 29.84 -0.81 1.12
N THR B 220 29.90 0.01 2.17
CA THR B 220 31.14 0.26 2.88
C THR B 220 31.71 -1.03 3.47
N VAL B 221 30.83 -1.95 3.82
CA VAL B 221 31.25 -3.25 4.33
C VAL B 221 31.87 -4.08 3.21
N MET B 222 31.19 -4.11 2.06
CA MET B 222 31.63 -4.89 0.91
C MET B 222 32.95 -4.39 0.31
N VAL B 223 33.20 -3.10 0.39
CA VAL B 223 34.44 -2.54 -0.15
C VAL B 223 35.66 -3.01 0.65
N HIS B 224 35.50 -3.13 1.96
CA HIS B 224 36.61 -3.47 2.84
C HIS B 224 37.17 -4.88 2.62
N GLN B 225 36.30 -5.83 2.27
CA GLN B 225 36.71 -7.22 2.12
C GLN B 225 37.49 -7.49 0.84
N ALA B 226 37.71 -6.44 0.06
CA ALA B 226 38.48 -6.57 -1.18
C ALA B 226 39.96 -6.72 -0.88
N ALA B 227 40.44 -5.98 0.10
CA ALA B 227 41.84 -6.03 0.49
C ALA B 227 42.08 -7.07 1.59
N PRO B 236 32.06 -7.79 -10.51
CA PRO B 236 33.03 -7.26 -11.48
C PRO B 236 32.84 -5.77 -11.68
N GLY B 237 33.05 -5.30 -12.91
CA GLY B 237 32.94 -3.89 -13.22
C GLY B 237 31.53 -3.36 -13.06
N ARG B 238 30.56 -4.26 -13.15
CA ARG B 238 29.14 -3.90 -13.06
C ARG B 238 28.83 -3.20 -11.74
N VAL B 239 29.58 -3.51 -10.70
CA VAL B 239 29.37 -2.88 -9.39
C VAL B 239 29.55 -1.37 -9.45
N GLN B 240 30.39 -0.89 -10.38
CA GLN B 240 30.61 0.53 -10.55
C GLN B 240 29.30 1.20 -10.91
N ALA B 241 28.48 0.47 -11.65
CA ALA B 241 27.15 0.94 -12.02
C ALA B 241 26.20 0.96 -10.82
N LEU B 242 26.30 -0.03 -9.94
CA LEU B 242 25.34 -0.09 -8.82
C LEU B 242 25.55 1.02 -7.80
N ARG B 243 26.81 1.30 -7.45
CA ARG B 243 27.12 2.32 -6.46
C ARG B 243 26.58 3.68 -6.87
N ARG B 244 26.90 4.09 -8.09
CA ARG B 244 26.37 5.34 -8.62
C ARG B 244 24.86 5.31 -8.51
N GLY B 245 24.26 4.18 -8.90
CA GLY B 245 22.83 3.98 -8.79
C GLY B 245 22.36 4.28 -7.39
N VAL B 246 23.03 3.66 -6.41
CA VAL B 246 22.70 3.87 -5.01
C VAL B 246 22.69 5.37 -4.74
N LEU B 247 23.78 6.03 -5.11
CA LEU B 247 23.91 7.46 -4.86
C LEU B 247 22.76 8.18 -5.52
N VAL B 248 22.51 7.83 -6.78
CA VAL B 248 21.43 8.45 -7.53
C VAL B 248 20.15 8.29 -6.75
N LEU B 249 19.87 7.06 -6.33
CA LEU B 249 18.66 6.76 -5.59
C LEU B 249 18.56 7.68 -4.38
N ARG B 250 19.66 7.78 -3.63
CA ARG B 250 19.69 8.62 -2.45
C ARG B 250 19.26 10.02 -2.83
N ALA B 251 19.92 10.57 -3.83
CA ALA B 251 19.62 11.92 -4.29
C ALA B 251 18.14 12.01 -4.61
N VAL B 252 17.66 11.04 -5.38
CA VAL B 252 16.27 11.01 -5.79
C VAL B 252 15.37 11.06 -4.56
N VAL B 253 15.69 10.22 -3.58
CA VAL B 253 14.91 10.17 -2.35
C VAL B 253 14.85 11.57 -1.77
N ILE B 254 16.02 12.17 -1.58
CA ILE B 254 16.09 13.51 -1.01
C ILE B 254 15.29 14.46 -1.90
N ALA B 255 15.52 14.34 -3.20
CA ALA B 255 14.86 15.18 -4.19
C ALA B 255 13.36 15.09 -4.03
N PHE B 256 12.88 13.89 -3.71
CA PHE B 256 11.47 13.69 -3.47
C PHE B 256 11.04 14.51 -2.25
N VAL B 257 11.66 14.21 -1.12
CA VAL B 257 11.23 14.78 0.16
C VAL B 257 11.16 16.30 0.16
N VAL B 258 12.29 16.93 -0.16
CA VAL B 258 12.40 18.38 -0.17
C VAL B 258 11.34 19.01 -1.07
N CYS B 259 10.95 18.29 -2.12
CA CYS B 259 9.95 18.79 -3.05
C CYS B 259 8.53 18.56 -2.55
N TRP B 260 8.31 17.42 -1.90
CA TRP B 260 6.95 17.06 -1.50
C TRP B 260 6.59 17.52 -0.08
N LEU B 261 7.61 17.88 0.70
CA LEU B 261 7.37 18.35 2.07
C LEU B 261 6.49 19.61 2.19
N PRO B 262 6.75 20.65 1.37
CA PRO B 262 5.85 21.80 1.55
C PRO B 262 4.46 21.55 0.98
N TYR B 263 4.39 20.72 -0.07
CA TYR B 263 3.13 20.33 -0.68
C TYR B 263 2.18 19.69 0.34
N HIS B 264 2.66 18.67 1.02
CA HIS B 264 1.84 17.95 1.99
C HIS B 264 1.47 18.81 3.19
N VAL B 265 2.42 19.63 3.64
CA VAL B 265 2.17 20.55 4.73
C VAL B 265 1.08 21.55 4.36
N ARG B 266 1.13 22.03 3.13
CA ARG B 266 0.14 22.98 2.62
C ARG B 266 -1.26 22.39 2.66
N ARG B 267 -1.38 21.13 2.27
CA ARG B 267 -2.68 20.45 2.29
C ARG B 267 -3.15 20.23 3.72
N LEU B 268 -2.21 19.99 4.62
CA LEU B 268 -2.50 19.90 6.04
C LEU B 268 -2.88 21.29 6.56
N MET B 269 -2.12 22.28 6.12
CA MET B 269 -2.40 23.67 6.45
C MET B 269 -3.79 24.08 6.00
N PHE B 270 -4.20 23.59 4.85
CA PHE B 270 -5.50 23.94 4.26
C PHE B 270 -6.67 23.57 5.15
N VAL B 271 -6.51 22.54 5.97
CA VAL B 271 -7.64 22.02 6.76
C VAL B 271 -7.48 22.18 8.27
N TYR B 272 -6.24 22.12 8.76
CA TYR B 272 -6.01 22.12 10.20
C TYR B 272 -6.18 23.46 10.91
N ILE B 273 -6.46 24.52 10.14
CA ILE B 273 -6.76 25.82 10.74
C ILE B 273 -8.18 26.27 10.43
N SER B 274 -8.92 26.66 11.47
CA SER B 274 -10.33 27.00 11.33
C SER B 274 -10.54 28.33 10.60
N ASP B 275 -11.78 28.57 10.19
CA ASP B 275 -12.14 29.74 9.40
C ASP B 275 -11.82 31.08 10.07
N GLU B 276 -11.98 31.14 11.39
CA GLU B 276 -11.67 32.36 12.13
C GLU B 276 -10.18 32.69 12.04
N GLN B 277 -9.35 31.65 11.98
CA GLN B 277 -7.91 31.84 11.85
C GLN B 277 -7.55 32.22 10.41
N TRP B 278 -8.40 31.82 9.47
CA TRP B 278 -8.20 32.14 8.06
C TRP B 278 -8.43 33.63 7.78
N THR B 279 -7.35 34.37 7.57
CA THR B 279 -7.46 35.78 7.19
C THR B 279 -7.04 35.96 5.75
N THR B 280 -7.09 37.20 5.27
CA THR B 280 -6.70 37.52 3.90
C THR B 280 -5.20 37.33 3.72
N ALA B 281 -4.45 37.61 4.79
CA ALA B 281 -3.00 37.45 4.77
C ALA B 281 -2.66 35.98 4.57
N LEU B 282 -3.25 35.12 5.40
CA LEU B 282 -3.04 33.68 5.31
C LEU B 282 -3.62 33.13 4.00
N PHE B 283 -4.61 33.83 3.45
CA PHE B 283 -5.22 33.46 2.18
C PHE B 283 -4.20 33.62 1.04
N ASP B 284 -3.79 34.86 0.81
CA ASP B 284 -2.81 35.17 -0.23
C ASP B 284 -1.52 34.38 -0.02
N PHE B 285 -1.08 34.30 1.23
CA PHE B 285 0.09 33.51 1.59
C PHE B 285 -0.09 32.05 1.20
N TYR B 286 -1.29 31.52 1.42
CA TYR B 286 -1.61 30.15 1.05
C TYR B 286 -1.52 29.98 -0.46
N HIS B 287 -1.88 31.03 -1.19
CA HIS B 287 -1.82 30.97 -2.66
C HIS B 287 -0.41 31.03 -3.23
N TYR B 288 0.41 31.94 -2.70
CA TYR B 288 1.81 32.01 -3.09
C TYR B 288 2.54 30.74 -2.69
N PHE B 289 2.21 30.20 -1.53
CA PHE B 289 2.77 28.94 -1.06
C PHE B 289 2.29 27.78 -1.92
N TYR B 290 1.10 27.93 -2.49
CA TYR B 290 0.56 26.94 -3.41
C TYR B 290 1.41 26.93 -4.67
N MET B 291 1.63 28.12 -5.23
CA MET B 291 2.51 28.29 -6.37
C MET B 291 3.88 27.68 -6.13
N LEU B 292 4.50 28.05 -5.01
CA LEU B 292 5.82 27.55 -4.64
C LEU B 292 5.85 26.03 -4.54
N SER B 293 4.97 25.47 -3.71
CA SER B 293 4.95 24.04 -3.46
C SER B 293 4.70 23.24 -4.74
N ASN B 294 3.73 23.67 -5.53
CA ASN B 294 3.43 23.02 -6.80
C ASN B 294 4.61 23.09 -7.77
N ALA B 295 5.24 24.25 -7.82
CA ALA B 295 6.45 24.44 -8.62
C ALA B 295 7.51 23.42 -8.21
N LEU B 296 7.70 23.26 -6.91
CA LEU B 296 8.65 22.27 -6.39
C LEU B 296 8.24 20.85 -6.78
N VAL B 297 6.93 20.60 -6.82
CA VAL B 297 6.43 19.30 -7.26
C VAL B 297 6.83 19.02 -8.71
N TYR B 298 6.58 19.98 -9.59
CA TYR B 298 6.97 19.82 -10.98
C TYR B 298 8.49 19.73 -11.14
N VAL B 299 9.21 20.37 -10.23
CA VAL B 299 10.66 20.23 -10.17
C VAL B 299 11.02 18.78 -9.90
N SER B 300 10.32 18.18 -8.93
CA SER B 300 10.53 16.78 -8.60
C SER B 300 10.17 15.88 -9.78
N ALA B 301 9.23 16.33 -10.60
CA ALA B 301 8.84 15.59 -11.79
C ALA B 301 9.93 15.63 -12.86
N ALA B 302 10.48 16.81 -13.11
CA ALA B 302 11.47 17.01 -14.17
C ALA B 302 12.90 16.67 -13.76
N ILE B 303 13.12 16.42 -12.47
CA ILE B 303 14.47 16.22 -11.94
C ILE B 303 15.04 14.83 -12.27
N ASN B 304 14.17 13.88 -12.54
CA ASN B 304 14.59 12.49 -12.77
C ASN B 304 15.57 12.23 -13.92
N PRO B 305 15.26 12.70 -15.14
CA PRO B 305 16.18 12.35 -16.24
C PRO B 305 17.57 12.97 -16.12
N ILE B 306 17.67 14.15 -15.51
CA ILE B 306 18.97 14.79 -15.36
C ILE B 306 19.85 14.07 -14.33
N LEU B 307 19.21 13.56 -13.27
CA LEU B 307 19.94 12.84 -12.23
C LEU B 307 20.53 11.54 -12.76
N TYR B 308 19.94 11.01 -13.82
CA TYR B 308 20.44 9.81 -14.45
C TYR B 308 21.69 10.13 -15.26
N ASN B 309 21.60 11.20 -16.04
CA ASN B 309 22.67 11.62 -16.94
C ASN B 309 23.99 12.06 -16.30
N LEU B 310 23.91 12.97 -15.33
CA LEU B 310 25.10 13.65 -14.80
C LEU B 310 26.25 12.75 -14.32
N VAL B 311 25.95 11.74 -13.51
CA VAL B 311 27.01 10.89 -12.97
C VAL B 311 27.40 9.76 -13.93
N SER B 312 26.42 9.20 -14.62
CA SER B 312 26.66 8.04 -15.47
C SER B 312 27.14 8.42 -16.86
N ALA B 313 28.09 7.68 -17.38
CA ALA B 313 28.62 7.94 -18.71
C ALA B 313 27.72 7.36 -19.79
N ASN B 314 27.31 6.11 -19.59
CA ASN B 314 26.52 5.42 -20.61
C ASN B 314 25.11 5.98 -20.78
N PHE B 315 24.46 6.29 -19.66
CA PHE B 315 23.10 6.82 -19.70
C PHE B 315 23.10 8.17 -20.42
N ARG B 316 24.14 8.95 -20.18
CA ARG B 316 24.26 10.28 -20.77
C ARG B 316 24.60 10.18 -22.24
N GLN B 317 25.48 9.25 -22.58
CA GLN B 317 25.89 9.07 -23.98
C GLN B 317 24.74 8.58 -24.84
N VAL B 318 23.94 7.64 -24.34
CA VAL B 318 22.79 7.16 -25.09
C VAL B 318 21.68 8.22 -25.11
N PHE B 319 21.61 9.03 -24.04
CA PHE B 319 20.65 10.12 -23.97
C PHE B 319 20.93 11.13 -25.08
N LEU B 320 22.17 11.58 -25.16
CA LEU B 320 22.59 12.54 -26.17
C LEU B 320 22.52 11.93 -27.57
N SER B 321 22.81 10.64 -27.67
CA SER B 321 22.77 9.93 -28.95
C SER B 321 21.36 9.88 -29.52
N THR B 322 20.39 9.53 -28.68
CA THR B 322 19.01 9.42 -29.13
C THR B 322 18.41 10.79 -29.45
N LEU B 323 18.76 11.79 -28.65
CA LEU B 323 18.28 13.15 -28.87
C LEU B 323 18.88 13.75 -30.15
N ARG C 5 -13.56 -29.37 -15.82
CA ARG C 5 -14.41 -29.04 -14.67
C ARG C 5 -13.68 -28.13 -13.70
N ARG C 6 -13.85 -26.83 -13.88
CA ARG C 6 -13.18 -25.83 -13.04
C ARG C 6 -13.96 -25.56 -11.75
N PRO C 7 -13.25 -25.50 -10.62
CA PRO C 7 -13.85 -25.19 -9.32
C PRO C 7 -14.50 -23.81 -9.30
N TYR C 8 -15.43 -23.58 -8.37
CA TYR C 8 -16.14 -22.32 -8.29
C TYR C 8 -15.85 -21.57 -6.99
N ILE C 9 -15.07 -22.17 -6.10
CA ILE C 9 -14.73 -21.56 -4.83
C ILE C 9 -13.31 -21.01 -4.83
N PRO D 7 -9.65 29.38 1.84
CA PRO D 7 -9.39 29.05 0.44
C PRO D 7 -10.29 27.92 -0.06
N TYR D 8 -10.46 27.82 -1.37
CA TYR D 8 -11.29 26.77 -1.95
C TYR D 8 -10.47 25.83 -2.82
N ILE D 9 -9.19 26.14 -2.98
CA ILE D 9 -8.29 25.32 -3.78
C ILE D 9 -7.36 24.49 -2.88
#